data_8RMO
#
_entry.id   8RMO
#
_cell.length_a   87.432
_cell.length_b   134.621
_cell.length_c   41.798
_cell.angle_alpha   90.000
_cell.angle_beta   90.000
_cell.angle_gamma   90.000
#
_symmetry.space_group_name_H-M   'P 21 21 2'
#
loop_
_entity.id
_entity.type
_entity.pdbx_description
1 polymer FLAG-tag
2 polymer 'anti-FLAG M2 heavy chain'
3 polymer 'anti-FLAG M2 light chain'
4 non-polymer 'CHLORIDE ION'
5 water water
#
loop_
_entity_poly.entity_id
_entity_poly.type
_entity_poly.pdbx_seq_one_letter_code
_entity_poly.pdbx_strand_id
1 'polypeptide(L)' DYKDDDDK F
2 'polypeptide(L)'
;(PCA)VQLQQSAAELARPGASVKMSCKASGYSFTTYTIHWVKQRPGQGLEWIGYINPSSGYAAYNQNFKDETTLTADPSS
STAYMELNSLTSEDSAVYYCAREKFYGYDYWGQGATLTVSSASTTPPSVYPLAPGSAAQTNSMVTLGCLVKGYFPEPVTV
TWNSGSLSSGVHTFPAVLQSDLYTLSSSVTVPSSTWPSQTVTCNVAHPASSTKVDKKIVPRAAAHHHHHHHH
;
H
3 'polypeptide(L)'
;DVLMTQIPLSLPVSLGDQASISCRSSQSIVHRNGNTYLEWYLLKPGQSPKLLIYKVSNRFSGVPDRFSGSGSGTDFTLKI
SRVEAEDLGVYYCFQGSHVPYTFGGGTKLEIRRADAAPTVSIFPPSSEQLTSGGASVVCFLNNFYPKDINVKWKIDGSER
QNGVLNSWTDQDSKDSTYSMSSTLTLTKDEYERHNSYTCEATHKTSTSPIVKSFNRNQC
;
L
#
loop_
_chem_comp.id
_chem_comp.type
_chem_comp.name
_chem_comp.formula
CL non-polymer 'CHLORIDE ION' 'Cl -1'
#
# COMPACT_ATOMS: atom_id res chain seq x y z
N ASP A 1 -15.76 25.86 15.05
CA ASP A 1 -14.95 25.13 14.05
C ASP A 1 -15.66 25.21 12.71
N TYR A 2 -14.95 24.83 11.63
CA TYR A 2 -15.52 24.99 10.30
C TYR A 2 -16.80 24.17 10.10
N LYS A 3 -16.99 23.09 10.87
CA LYS A 3 -18.20 22.28 10.74
C LYS A 3 -19.43 22.95 11.33
N ASP A 4 -19.27 24.02 12.12
CA ASP A 4 -20.41 24.80 12.59
C ASP A 4 -21.22 25.35 11.42
N ASP A 5 -20.60 25.56 10.25
CA ASP A 5 -21.30 26.06 9.08
C ASP A 5 -21.99 24.97 8.27
N ASP A 6 -21.94 23.71 8.72
N ASP A 6 -21.92 23.70 8.73
CA ASP A 6 -22.69 22.64 8.10
CA ASP A 6 -22.71 22.64 8.15
C ASP A 6 -24.10 22.56 8.70
C ASP A 6 -24.14 22.69 8.73
N PCA B 1 -10.95 17.85 -13.69
CA PCA B 1 -11.40 16.85 -12.74
CB PCA B 1 -10.96 15.52 -13.40
CG PCA B 1 -9.90 15.94 -14.40
CD PCA B 1 -10.10 17.40 -14.61
OE PCA B 1 -9.57 18.10 -15.50
C PCA B 1 -10.71 17.07 -11.40
O PCA B 1 -9.58 17.56 -11.36
H PCA B 1 -11.23 18.67 -13.66
HA PCA B 1 -12.40 16.88 -12.68
HB2 PCA B 1 -11.73 15.09 -13.83
HB3 PCA B 1 -10.61 14.91 -12.73
HG2 PCA B 1 -10.01 15.44 -15.24
HG3 PCA B 1 -9.01 15.75 -14.05
N VAL B 2 -11.38 16.72 -10.28
CA VAL B 2 -10.77 16.87 -8.96
C VAL B 2 -9.58 15.93 -8.86
N GLN B 3 -8.46 16.49 -8.43
N GLN B 3 -8.45 16.54 -8.53
CA GLN B 3 -7.25 15.68 -8.21
CA GLN B 3 -7.20 15.81 -8.38
C GLN B 3 -6.43 16.33 -7.10
C GLN B 3 -6.36 16.53 -7.35
N LEU B 4 -5.84 15.50 -6.21
N LEU B 4 -5.90 15.67 -6.41
CA LEU B 4 -4.86 15.93 -5.22
CA LEU B 4 -4.90 16.05 -5.41
C LEU B 4 -3.54 15.27 -5.61
C LEU B 4 -3.62 15.31 -5.76
N GLN B 5 -2.55 16.06 -6.03
CA GLN B 5 -1.28 15.53 -6.51
C GLN B 5 -0.22 15.85 -5.47
N GLN B 6 0.32 14.81 -4.84
CA GLN B 6 1.38 14.96 -3.84
C GLN B 6 2.74 15.03 -4.50
N SER B 7 3.65 15.69 -3.80
CA SER B 7 5.06 15.59 -4.09
C SER B 7 5.54 14.15 -4.01
N ALA B 8 6.72 13.93 -4.60
CA ALA B 8 7.30 12.59 -4.67
C ALA B 8 7.82 12.08 -3.33
N ALA B 9 8.01 10.74 -3.25
CA ALA B 9 8.70 10.13 -2.12
C ALA B 9 10.00 10.87 -1.87
N GLU B 10 10.38 10.92 -0.60
CA GLU B 10 11.61 11.56 -0.33
C GLU B 10 12.29 11.03 0.91
N LEU B 11 13.59 11.29 0.92
CA LEU B 11 14.53 10.92 1.94
C LEU B 11 14.91 12.19 2.70
N ALA B 12 14.91 12.13 4.03
CA ALA B 12 15.32 13.26 4.86
C ALA B 12 16.27 12.73 5.94
N ARG B 13 17.12 13.62 6.45
N ARG B 13 17.13 13.61 6.45
CA ARG B 13 18.11 13.26 7.51
CA ARG B 13 18.12 13.19 7.48
C ARG B 13 17.38 13.24 8.85
C ARG B 13 17.47 13.29 8.86
N PRO B 14 17.91 12.49 9.85
CA PRO B 14 17.46 12.68 11.22
C PRO B 14 17.78 14.09 11.71
N GLY B 15 16.82 14.69 12.40
CA GLY B 15 16.98 16.04 12.94
C GLY B 15 16.60 17.15 11.97
N ALA B 16 16.48 16.82 10.67
CA ALA B 16 16.16 17.82 9.66
C ALA B 16 14.64 18.08 9.66
N SER B 17 14.25 18.95 8.73
CA SER B 17 12.86 19.22 8.39
C SER B 17 12.60 18.77 6.95
N VAL B 18 11.32 18.55 6.65
CA VAL B 18 10.89 18.24 5.28
C VAL B 18 9.56 18.94 5.03
N LYS B 19 9.37 19.40 3.78
CA LYS B 19 8.11 20.03 3.41
C LYS B 19 7.47 19.20 2.30
N MET B 20 6.28 18.68 2.59
CA MET B 20 5.54 17.85 1.66
C MET B 20 4.37 18.68 1.12
N SER B 21 4.06 18.48 -0.16
CA SER B 21 3.05 19.30 -0.81
C SER B 21 1.91 18.45 -1.33
N CYS B 22 0.75 19.14 -1.48
CA CYS B 22 -0.49 18.58 -2.02
C CYS B 22 -1.12 19.65 -2.92
N LYS B 23 -0.98 19.46 -4.24
CA LYS B 23 -1.53 20.43 -5.20
C LYS B 23 -2.92 19.92 -5.58
N ALA B 24 -3.90 20.75 -5.24
CA ALA B 24 -5.33 20.48 -5.48
C ALA B 24 -5.72 21.16 -6.79
N SER B 25 -6.36 20.39 -7.65
CA SER B 25 -6.90 20.98 -8.85
C SER B 25 -8.30 20.48 -9.06
N GLY B 26 -9.02 21.20 -9.95
CA GLY B 26 -10.32 20.73 -10.43
C GLY B 26 -11.49 21.30 -9.65
N TYR B 27 -11.28 22.22 -8.70
CA TYR B 27 -12.32 22.81 -7.90
C TYR B 27 -11.81 24.13 -7.37
N SER B 28 -12.67 24.90 -6.69
N SER B 28 -12.66 24.91 -6.69
CA SER B 28 -12.27 26.14 -6.07
CA SER B 28 -12.25 26.14 -6.09
C SER B 28 -11.54 25.83 -4.76
C SER B 28 -11.55 25.84 -4.76
N PHE B 29 -10.23 26.05 -4.77
CA PHE B 29 -9.35 25.54 -3.70
C PHE B 29 -9.79 25.96 -2.31
N THR B 30 -10.22 27.20 -2.12
CA THR B 30 -10.54 27.69 -0.80
C THR B 30 -11.80 27.08 -0.18
N THR B 31 -12.58 26.34 -0.96
CA THR B 31 -13.88 25.85 -0.52
C THR B 31 -13.89 24.49 0.14
N TYR B 32 -12.67 23.87 0.20
CA TYR B 32 -12.52 22.61 0.96
C TYR B 32 -11.28 22.69 1.87
N THR B 33 -11.41 22.03 3.02
CA THR B 33 -10.23 21.83 3.89
C THR B 33 -9.38 20.76 3.25
N ILE B 34 -8.07 20.77 3.68
CA ILE B 34 -7.10 19.72 3.34
C ILE B 34 -6.56 19.11 4.64
N HIS B 35 -6.73 17.82 4.75
CA HIS B 35 -6.26 17.08 5.93
C HIS B 35 -5.12 16.19 5.50
N TRP B 36 -4.31 15.85 6.56
CA TRP B 36 -3.11 15.01 6.43
C TRP B 36 -3.23 13.79 7.35
N VAL B 37 -2.88 12.65 6.77
CA VAL B 37 -3.04 11.35 7.40
C VAL B 37 -1.72 10.57 7.26
N LYS B 38 -1.31 9.94 8.37
CA LYS B 38 -0.07 9.14 8.42
C LYS B 38 -0.42 7.67 8.43
N GLN B 39 0.24 6.89 7.56
CA GLN B 39 0.10 5.46 7.49
C GLN B 39 1.46 4.79 7.69
N ARG B 40 1.57 4.08 8.80
N ARG B 40 1.59 4.12 8.83
CA ARG B 40 2.83 3.40 9.13
CA ARG B 40 2.84 3.41 9.17
C ARG B 40 2.49 1.95 9.46
C ARG B 40 2.48 1.95 9.45
N PRO B 41 3.21 0.94 8.93
CA PRO B 41 2.89 -0.46 9.22
C PRO B 41 2.69 -0.73 10.69
N GLY B 42 1.59 -1.43 10.98
CA GLY B 42 1.20 -1.80 12.32
C GLY B 42 0.56 -0.66 13.10
N GLN B 43 0.40 0.53 12.47
CA GLN B 43 -0.11 1.68 13.18
C GLN B 43 -1.35 2.24 12.48
N GLY B 44 -1.97 1.43 11.59
CA GLY B 44 -3.20 1.86 10.97
C GLY B 44 -3.05 3.24 10.29
N LEU B 45 -4.05 4.07 10.49
CA LEU B 45 -4.12 5.43 9.97
C LEU B 45 -4.23 6.40 11.15
N GLU B 46 -3.47 7.51 11.10
N GLU B 46 -3.54 7.53 11.03
CA GLU B 46 -3.53 8.53 12.13
CA GLU B 46 -3.57 8.52 12.09
C GLU B 46 -3.84 9.86 11.45
C GLU B 46 -3.78 9.90 11.48
N TRP B 47 -4.74 10.63 12.03
CA TRP B 47 -5.01 11.99 11.59
C TRP B 47 -3.99 12.98 12.16
N ILE B 48 -3.34 13.75 11.32
CA ILE B 48 -2.31 14.71 11.75
C ILE B 48 -2.92 16.07 12.05
N GLY B 49 -3.79 16.51 11.14
CA GLY B 49 -4.31 17.88 11.23
C GLY B 49 -5.04 18.25 9.93
N TYR B 50 -5.56 19.48 9.91
CA TYR B 50 -6.15 20.00 8.66
C TYR B 50 -5.78 21.47 8.57
N ILE B 51 -5.85 21.99 7.33
CA ILE B 51 -5.87 23.42 7.12
C ILE B 51 -7.13 23.80 6.34
N ASN B 52 -7.70 24.92 6.76
CA ASN B 52 -8.82 25.48 6.04
C ASN B 52 -8.32 26.68 5.25
N PRO B 53 -8.10 26.57 3.93
CA PRO B 53 -7.54 27.68 3.18
C PRO B 53 -8.37 28.95 3.18
N SER B 54 -9.68 28.78 3.41
N SER B 54 -9.70 28.83 3.39
CA SER B 54 -10.58 29.92 3.45
CA SER B 54 -10.56 30.01 3.40
C SER B 54 -10.24 30.87 4.58
C SER B 54 -10.25 30.90 4.59
N SER B 55 -9.98 30.29 5.77
CA SER B 55 -9.77 31.06 6.99
C SER B 55 -8.28 31.19 7.34
N GLY B 56 -7.43 30.28 6.84
CA GLY B 56 -6.06 30.19 7.27
C GLY B 56 -5.86 29.31 8.48
N TYR B 57 -6.92 28.81 9.13
CA TYR B 57 -6.78 28.09 10.37
C TYR B 57 -6.32 26.66 10.09
N ALA B 58 -5.30 26.23 10.84
CA ALA B 58 -4.92 24.83 10.91
C ALA B 58 -5.18 24.27 12.29
N ALA B 59 -5.74 23.07 12.31
CA ALA B 59 -5.93 22.27 13.49
C ALA B 59 -4.89 21.16 13.48
N TYR B 60 -4.42 20.80 14.67
CA TYR B 60 -3.36 19.82 14.85
C TYR B 60 -3.75 18.81 15.92
N ASN B 61 -3.46 17.55 15.62
CA ASN B 61 -3.44 16.54 16.65
C ASN B 61 -2.32 16.89 17.64
N GLN B 62 -2.63 16.92 18.96
N GLN B 62 -2.61 16.93 18.94
CA GLN B 62 -1.67 17.28 19.99
CA GLN B 62 -1.60 17.37 19.90
C GLN B 62 -0.41 16.42 19.89
C GLN B 62 -0.41 16.40 19.96
N ASN B 63 -0.57 15.16 19.47
CA ASN B 63 0.57 14.25 19.35
C ASN B 63 1.57 14.66 18.25
N PHE B 64 1.14 15.51 17.30
CA PHE B 64 1.92 15.97 16.16
C PHE B 64 2.25 17.46 16.23
N LYS B 65 1.66 18.22 17.17
CA LYS B 65 1.71 19.69 17.06
C LYS B 65 3.12 20.23 17.13
N ASP B 66 4.02 19.63 17.92
CA ASP B 66 5.34 20.21 18.10
C ASP B 66 6.25 19.89 16.91
N GLU B 67 5.85 18.95 16.05
CA GLU B 67 6.65 18.55 14.91
C GLU B 67 6.05 18.97 13.57
N THR B 68 4.86 19.60 13.60
CA THR B 68 4.06 19.80 12.37
C THR B 68 3.65 21.25 12.22
N THR B 69 3.79 21.76 10.99
CA THR B 69 3.23 23.07 10.62
C THR B 69 2.51 22.87 9.27
N LEU B 70 1.22 23.23 9.25
CA LEU B 70 0.41 23.18 8.03
C LEU B 70 0.25 24.59 7.47
N THR B 71 0.37 24.68 6.14
CA THR B 71 0.20 25.94 5.43
C THR B 71 -0.59 25.66 4.15
N ALA B 72 -1.04 26.76 3.56
CA ALA B 72 -1.71 26.68 2.28
C ALA B 72 -1.54 27.98 1.52
N ASP B 73 -1.31 27.84 0.21
CA ASP B 73 -1.09 28.95 -0.69
C ASP B 73 -2.25 28.96 -1.70
N PRO B 74 -3.31 29.77 -1.47
CA PRO B 74 -4.44 29.82 -2.40
C PRO B 74 -4.03 30.12 -3.84
N SER B 75 -3.05 31.01 -4.04
CA SER B 75 -2.65 31.40 -5.38
C SER B 75 -2.16 30.21 -6.21
N SER B 76 -1.58 29.18 -5.59
CA SER B 76 -1.08 28.01 -6.29
C SER B 76 -1.91 26.76 -6.01
N SER B 77 -3.01 26.87 -5.29
CA SER B 77 -3.89 25.78 -4.93
C SER B 77 -3.07 24.64 -4.32
N THR B 78 -2.14 25.00 -3.43
CA THR B 78 -1.27 23.98 -2.81
C THR B 78 -1.29 24.08 -1.29
N ALA B 79 -1.44 22.91 -0.66
CA ALA B 79 -1.32 22.78 0.80
C ALA B 79 0.04 22.12 1.09
N TYR B 80 0.63 22.52 2.21
CA TYR B 80 1.93 21.98 2.60
C TYR B 80 1.84 21.50 4.03
N MET B 81 2.66 20.45 4.27
CA MET B 81 2.91 19.97 5.62
C MET B 81 4.42 19.95 5.86
N GLU B 82 4.86 20.70 6.86
N GLU B 82 4.89 20.77 6.82
CA GLU B 82 6.28 20.68 7.20
CA GLU B 82 6.29 20.79 7.23
C GLU B 82 6.43 19.92 8.50
C GLU B 82 6.42 19.93 8.49
N LEU B 83 7.30 18.92 8.45
CA LEU B 83 7.65 18.13 9.63
C LEU B 83 9.07 18.52 10.06
N ASN B 84 9.22 18.83 11.35
CA ASN B 84 10.53 19.20 11.91
C ASN B 84 11.04 18.12 12.88
N SER B 85 12.32 18.26 13.19
CA SER B 85 12.98 17.44 14.20
C SER B 85 12.80 15.97 13.87
N LEU B 86 13.06 15.58 12.63
CA LEU B 86 12.66 14.28 12.14
C LEU B 86 13.38 13.14 12.85
N THR B 87 12.67 12.06 13.08
CA THR B 87 13.22 10.82 13.60
C THR B 87 12.79 9.65 12.77
N SER B 88 13.30 8.45 12.99
N SER B 88 13.39 8.48 12.95
CA SER B 88 12.81 7.30 12.27
CA SER B 88 13.07 7.25 12.23
C SER B 88 11.32 7.01 12.59
C SER B 88 11.56 6.98 12.29
N GLU B 89 10.72 7.49 13.70
N GLU B 89 10.92 7.35 13.40
CA GLU B 89 9.28 7.34 13.90
CA GLU B 89 9.50 7.09 13.62
C GLU B 89 8.49 8.06 12.81
C GLU B 89 8.60 7.94 12.73
N ASP B 90 9.12 9.01 12.14
CA ASP B 90 8.37 9.78 11.13
C ASP B 90 8.39 9.06 9.81
N SER B 91 9.12 7.99 9.57
CA SER B 91 9.10 7.29 8.30
C SER B 91 7.75 6.63 8.16
N ALA B 92 7.05 6.92 7.04
CA ALA B 92 5.66 6.54 6.83
C ALA B 92 5.24 6.98 5.44
N VAL B 93 4.03 6.52 5.07
CA VAL B 93 3.33 7.09 3.92
C VAL B 93 2.37 8.17 4.44
N TYR B 94 2.45 9.34 3.84
CA TYR B 94 1.60 10.46 4.22
C TYR B 94 0.64 10.75 3.07
N TYR B 95 -0.65 10.90 3.46
CA TYR B 95 -1.68 11.30 2.45
C TYR B 95 -2.16 12.66 2.84
N CYS B 96 -2.59 13.38 1.78
CA CYS B 96 -3.55 14.48 1.91
C CYS B 96 -4.91 14.05 1.37
N ALA B 97 -5.92 14.71 1.93
CA ALA B 97 -7.30 14.45 1.51
C ALA B 97 -8.04 15.74 1.69
N ARG B 98 -9.05 15.95 0.83
CA ARG B 98 -9.95 17.14 0.97
C ARG B 98 -11.23 16.70 1.69
N GLU B 99 -11.86 17.69 2.34
N GLU B 99 -11.84 17.69 2.35
CA GLU B 99 -13.03 17.47 3.20
CA GLU B 99 -13.07 17.45 3.15
C GLU B 99 -13.82 18.78 3.32
C GLU B 99 -13.82 18.78 3.28
N LYS B 100 -15.13 18.75 3.04
CA LYS B 100 -16.00 19.85 3.44
C LYS B 100 -17.40 19.28 3.62
N PHE B 101 -17.57 18.57 4.75
CA PHE B 101 -18.85 18.12 5.28
C PHE B 101 -19.38 16.78 4.73
N TYR B 102 -18.69 16.16 3.79
CA TYR B 102 -19.15 14.88 3.18
C TYR B 102 -18.02 13.83 3.24
N GLY B 103 -17.07 13.97 4.18
CA GLY B 103 -15.99 13.01 4.25
C GLY B 103 -14.84 13.27 3.26
N TYR B 104 -13.80 12.40 3.38
CA TYR B 104 -12.62 12.52 2.53
C TYR B 104 -12.87 11.86 1.17
N ASP B 105 -13.50 12.65 0.28
CA ASP B 105 -13.94 12.12 -0.99
C ASP B 105 -12.83 11.93 -2.03
N TYR B 106 -11.79 12.77 -1.99
CA TYR B 106 -10.66 12.68 -2.89
C TYR B 106 -9.39 12.74 -2.01
N TRP B 107 -8.46 11.88 -2.39
CA TRP B 107 -7.18 11.70 -1.68
C TRP B 107 -6.05 11.91 -2.66
N GLY B 108 -4.94 12.38 -2.10
CA GLY B 108 -3.70 12.26 -2.83
C GLY B 108 -3.24 10.81 -2.92
N GLN B 109 -2.21 10.62 -3.76
CA GLN B 109 -1.67 9.30 -4.03
C GLN B 109 -0.74 8.77 -2.95
N GLY B 110 -0.43 9.63 -1.99
CA GLY B 110 0.48 9.29 -0.91
C GLY B 110 1.91 9.60 -1.31
N ALA B 111 2.70 9.85 -0.25
CA ALA B 111 4.12 10.12 -0.43
C ALA B 111 4.87 9.41 0.71
N THR B 112 5.84 8.58 0.30
CA THR B 112 6.63 7.85 1.28
C THR B 112 7.78 8.70 1.77
N LEU B 113 7.81 8.97 3.07
CA LEU B 113 8.92 9.68 3.70
C LEU B 113 9.80 8.64 4.41
N THR B 114 11.11 8.67 4.10
CA THR B 114 12.09 7.85 4.84
C THR B 114 13.04 8.80 5.53
N VAL B 115 13.21 8.57 6.85
CA VAL B 115 14.15 9.36 7.63
C VAL B 115 15.38 8.48 7.91
N SER B 116 16.50 8.87 7.36
CA SER B 116 17.72 8.03 7.42
C SER B 116 18.91 8.85 7.02
N SER B 117 20.09 8.43 7.53
CA SER B 117 21.34 9.03 7.12
C SER B 117 21.91 8.39 5.86
N ALA B 118 21.30 7.29 5.40
CA ALA B 118 21.79 6.60 4.22
C ALA B 118 21.62 7.41 2.95
N SER B 119 22.49 7.16 1.98
CA SER B 119 22.37 7.76 0.66
C SER B 119 21.30 7.11 -0.19
N THR B 120 20.82 7.90 -1.15
N THR B 120 20.72 7.90 -1.12
CA THR B 120 19.95 7.39 -2.18
CA THR B 120 19.90 7.26 -2.14
C THR B 120 20.71 6.44 -3.09
C THR B 120 20.77 6.35 -2.97
N THR B 121 20.16 5.25 -3.38
CA THR B 121 20.80 4.28 -4.26
C THR B 121 19.74 3.84 -5.26
N PRO B 122 19.97 4.01 -6.59
CA PRO B 122 19.00 3.55 -7.58
C PRO B 122 19.06 2.03 -7.70
N PRO B 123 17.98 1.38 -8.17
CA PRO B 123 17.97 -0.06 -8.35
C PRO B 123 18.82 -0.53 -9.52
N SER B 124 19.36 -1.73 -9.34
CA SER B 124 19.85 -2.55 -10.44
C SER B 124 18.70 -3.43 -10.87
N VAL B 125 18.39 -3.45 -12.18
CA VAL B 125 17.27 -4.24 -12.71
C VAL B 125 17.85 -5.40 -13.51
N TYR B 126 17.52 -6.63 -13.09
CA TYR B 126 17.99 -7.83 -13.77
C TYR B 126 16.81 -8.61 -14.35
N PRO B 127 17.03 -9.24 -15.53
CA PRO B 127 16.00 -10.06 -16.15
C PRO B 127 15.86 -11.42 -15.46
N LEU B 128 14.60 -11.87 -15.35
CA LEU B 128 14.27 -13.23 -14.99
C LEU B 128 13.67 -13.85 -16.24
N ALA B 129 14.51 -14.55 -16.99
CA ALA B 129 14.17 -15.07 -18.30
C ALA B 129 13.97 -16.58 -18.20
N PRO B 130 12.94 -17.16 -18.85
CA PRO B 130 12.74 -18.61 -18.81
C PRO B 130 13.77 -19.38 -19.64
N SER B 138 1.89 -23.22 -23.14
CA SER B 138 0.61 -22.45 -23.11
C SER B 138 0.84 -21.05 -22.54
N MET B 139 1.32 -20.97 -21.28
CA MET B 139 1.58 -19.73 -20.58
C MET B 139 3.05 -19.68 -20.16
N VAL B 140 3.68 -18.52 -20.34
CA VAL B 140 5.07 -18.30 -19.97
C VAL B 140 5.12 -17.26 -18.84
N THR B 141 5.91 -17.53 -17.79
CA THR B 141 6.16 -16.55 -16.74
C THR B 141 7.56 -15.96 -16.92
N LEU B 142 7.62 -14.62 -16.98
CA LEU B 142 8.84 -13.84 -17.06
C LEU B 142 8.88 -12.91 -15.84
N GLY B 143 10.03 -12.29 -15.59
CA GLY B 143 10.08 -11.37 -14.46
C GLY B 143 11.28 -10.44 -14.47
N CYS B 144 11.49 -9.89 -13.27
N CYS B 144 11.23 -9.41 -13.60
CA CYS B 144 12.08 -8.58 -13.07
CA CYS B 144 12.43 -8.62 -13.29
C CYS B 144 12.69 -8.51 -11.66
C CYS B 144 12.73 -8.74 -11.80
N LEU B 145 14.02 -8.63 -11.49
CA LEU B 145 14.57 -8.52 -10.13
C LEU B 145 15.11 -7.10 -9.97
N VAL B 146 14.59 -6.40 -8.96
CA VAL B 146 14.90 -5.02 -8.71
C VAL B 146 15.68 -4.97 -7.39
N LYS B 147 17.00 -4.85 -7.46
CA LYS B 147 17.89 -5.13 -6.34
C LYS B 147 18.64 -3.89 -5.91
N GLY B 148 18.81 -3.74 -4.59
CA GLY B 148 19.81 -2.86 -4.03
C GLY B 148 19.46 -1.37 -4.10
N TYR B 149 18.18 -1.02 -3.86
CA TYR B 149 17.78 0.37 -3.92
C TYR B 149 17.43 0.92 -2.53
N PHE B 150 17.51 2.25 -2.43
CA PHE B 150 17.14 2.89 -1.18
C PHE B 150 16.84 4.34 -1.48
N PRO B 151 15.79 4.96 -0.90
CA PRO B 151 14.73 4.35 -0.09
C PRO B 151 13.62 3.76 -0.94
N GLU B 152 12.60 3.27 -0.25
N GLU B 152 12.58 3.26 -0.27
CA GLU B 152 11.36 2.92 -0.91
CA GLU B 152 11.37 2.85 -0.96
C GLU B 152 10.67 4.16 -1.48
C GLU B 152 10.61 4.10 -1.41
N PRO B 153 9.70 4.02 -2.41
CA PRO B 153 9.37 2.80 -3.15
C PRO B 153 9.99 2.77 -4.54
N VAL B 154 9.77 1.64 -5.18
CA VAL B 154 9.85 1.57 -6.62
C VAL B 154 8.47 1.22 -7.14
N THR B 155 8.23 1.61 -8.40
CA THR B 155 7.05 1.17 -9.11
C THR B 155 7.49 0.39 -10.35
N VAL B 156 6.78 -0.71 -10.60
CA VAL B 156 7.07 -1.57 -11.73
C VAL B 156 5.82 -1.61 -12.61
N THR B 157 6.00 -1.35 -13.91
CA THR B 157 5.03 -1.64 -14.94
C THR B 157 5.62 -2.55 -15.98
N TRP B 158 4.75 -3.08 -16.85
CA TRP B 158 5.14 -3.88 -17.98
C TRP B 158 4.57 -3.26 -19.26
N ASN B 159 5.44 -3.07 -20.27
CA ASN B 159 5.12 -2.47 -21.57
C ASN B 159 4.45 -1.11 -21.42
N SER B 160 5.06 -0.25 -20.57
CA SER B 160 4.61 1.10 -20.27
C SER B 160 3.16 1.13 -19.78
N GLY B 161 2.76 0.08 -19.05
CA GLY B 161 1.42 -0.02 -18.50
C GLY B 161 0.41 -0.66 -19.44
N SER B 162 0.79 -0.95 -20.71
CA SER B 162 -0.16 -1.54 -21.66
C SER B 162 -0.39 -3.02 -21.38
N LEU B 163 0.53 -3.65 -20.63
CA LEU B 163 0.39 -5.00 -20.11
C LEU B 163 0.19 -4.96 -18.59
N SER B 164 -1.07 -5.20 -18.16
CA SER B 164 -1.48 -5.07 -16.77
C SER B 164 -1.99 -6.39 -16.17
N SER B 165 -2.63 -7.25 -16.97
CA SER B 165 -3.12 -8.53 -16.52
C SER B 165 -1.98 -9.53 -16.29
N GLY B 166 -2.13 -10.40 -15.27
CA GLY B 166 -1.19 -11.47 -14.97
C GLY B 166 0.12 -11.02 -14.32
N VAL B 167 0.14 -9.84 -13.66
CA VAL B 167 1.33 -9.26 -13.05
C VAL B 167 1.25 -9.51 -11.55
N HIS B 168 2.38 -9.84 -10.89
CA HIS B 168 2.52 -9.84 -9.45
C HIS B 168 3.83 -9.14 -9.09
N THR B 169 3.72 -7.99 -8.41
CA THR B 169 4.86 -7.26 -7.89
C THR B 169 4.89 -7.46 -6.38
N PHE B 170 5.96 -8.07 -5.88
CA PHE B 170 6.02 -8.54 -4.52
C PHE B 170 6.49 -7.38 -3.65
N PRO B 171 6.11 -7.32 -2.36
CA PRO B 171 6.67 -6.34 -1.45
C PRO B 171 8.17 -6.47 -1.30
N ALA B 172 8.82 -5.32 -1.06
CA ALA B 172 10.26 -5.32 -0.91
C ALA B 172 10.65 -5.91 0.43
N VAL B 173 11.89 -6.38 0.50
CA VAL B 173 12.54 -6.84 1.72
C VAL B 173 13.80 -6.01 1.92
N LEU B 174 14.09 -5.67 3.19
CA LEU B 174 15.22 -4.86 3.59
C LEU B 174 16.31 -5.81 4.06
N GLN B 175 17.50 -5.67 3.48
CA GLN B 175 18.65 -6.46 3.89
C GLN B 175 19.90 -5.63 3.69
N SER B 176 20.74 -5.52 4.74
CA SER B 176 21.98 -4.76 4.69
C SER B 176 21.72 -3.33 4.17
N ASP B 177 20.64 -2.74 4.71
CA ASP B 177 20.29 -1.34 4.50
C ASP B 177 19.82 -1.05 3.05
N LEU B 178 19.48 -2.07 2.23
CA LEU B 178 19.00 -1.88 0.86
C LEU B 178 17.79 -2.77 0.62
N TYR B 179 16.92 -2.32 -0.28
CA TYR B 179 15.69 -3.00 -0.60
C TYR B 179 15.83 -3.79 -1.88
N THR B 180 15.03 -4.85 -1.92
CA THR B 180 14.95 -5.70 -3.10
C THR B 180 13.54 -6.23 -3.25
N LEU B 181 13.09 -6.28 -4.49
CA LEU B 181 11.81 -6.87 -4.85
C LEU B 181 11.91 -7.47 -6.23
N SER B 182 10.91 -8.31 -6.54
N SER B 182 10.87 -8.23 -6.55
CA SER B 182 10.77 -8.90 -7.85
CA SER B 182 10.73 -8.82 -7.86
C SER B 182 9.33 -8.71 -8.35
C SER B 182 9.32 -8.56 -8.37
N SER B 183 9.18 -8.70 -9.69
CA SER B 183 7.90 -8.63 -10.37
C SER B 183 7.86 -9.78 -11.38
N SER B 184 6.73 -10.48 -11.43
CA SER B 184 6.50 -11.55 -12.38
C SER B 184 5.34 -11.17 -13.30
N VAL B 185 5.41 -11.59 -14.56
CA VAL B 185 4.34 -11.43 -15.54
C VAL B 185 4.12 -12.74 -16.28
N THR B 186 2.84 -13.02 -16.61
CA THR B 186 2.43 -14.22 -17.35
C THR B 186 1.64 -13.81 -18.59
N VAL B 187 2.08 -14.30 -19.78
CA VAL B 187 1.44 -14.03 -21.06
C VAL B 187 1.29 -15.30 -21.89
N PRO B 188 0.43 -15.32 -22.95
CA PRO B 188 0.39 -16.43 -23.91
C PRO B 188 1.67 -16.59 -24.73
N SER B 189 2.04 -17.86 -24.98
CA SER B 189 3.26 -18.21 -25.70
C SER B 189 3.14 -17.88 -27.19
N PRO B 193 4.32 -13.39 -32.51
CA PRO B 193 4.87 -12.41 -33.47
C PRO B 193 5.69 -11.34 -32.74
N SER B 194 5.85 -10.15 -33.36
CA SER B 194 6.67 -9.07 -32.81
C SER B 194 5.98 -8.41 -31.62
N GLN B 195 5.92 -9.13 -30.49
CA GLN B 195 5.08 -8.83 -29.34
C GLN B 195 5.91 -8.99 -28.07
N THR B 196 6.79 -8.02 -27.81
CA THR B 196 7.87 -8.13 -26.84
C THR B 196 7.37 -7.75 -25.45
N VAL B 197 8.25 -7.94 -24.44
CA VAL B 197 7.94 -7.75 -23.02
C VAL B 197 9.07 -6.97 -22.32
N THR B 198 8.74 -5.81 -21.74
CA THR B 198 9.68 -4.90 -21.11
C THR B 198 9.19 -4.48 -19.73
N CYS B 199 10.11 -4.46 -18.75
N CYS B 199 9.98 -4.68 -18.67
CA CYS B 199 9.88 -4.16 -17.34
CA CYS B 199 9.61 -4.11 -17.40
C CYS B 199 10.33 -2.74 -17.03
C CYS B 199 10.18 -2.71 -17.33
N ASN B 200 9.38 -1.82 -16.73
CA ASN B 200 9.68 -0.41 -16.57
C ASN B 200 9.71 -0.14 -15.07
N VAL B 201 10.86 0.24 -14.54
CA VAL B 201 11.06 0.43 -13.10
C VAL B 201 11.30 1.91 -12.89
N ALA B 202 10.57 2.51 -11.96
CA ALA B 202 10.74 3.89 -11.58
C ALA B 202 11.10 3.94 -10.08
N HIS B 203 12.10 4.75 -9.76
CA HIS B 203 12.55 4.92 -8.38
C HIS B 203 12.43 6.40 -8.07
N PRO B 204 11.25 6.87 -7.62
CA PRO B 204 11.01 8.32 -7.51
C PRO B 204 12.02 9.04 -6.64
N ALA B 205 12.50 8.43 -5.53
CA ALA B 205 13.41 9.13 -4.67
C ALA B 205 14.76 9.47 -5.31
N SER B 206 15.17 8.76 -6.38
CA SER B 206 16.39 9.08 -7.12
C SER B 206 16.08 9.65 -8.51
N SER B 207 14.78 9.83 -8.84
CA SER B 207 14.33 10.30 -10.14
C SER B 207 14.93 9.47 -11.27
N THR B 208 14.98 8.14 -11.08
CA THR B 208 15.58 7.22 -12.06
C THR B 208 14.48 6.34 -12.63
N LYS B 209 14.57 6.07 -13.94
CA LYS B 209 13.73 5.10 -14.63
C LYS B 209 14.62 4.15 -15.43
N VAL B 210 14.34 2.84 -15.33
CA VAL B 210 15.06 1.82 -16.07
C VAL B 210 14.06 0.96 -16.83
N ASP B 211 14.39 0.62 -18.09
CA ASP B 211 13.64 -0.38 -18.83
C ASP B 211 14.51 -1.61 -19.04
N LYS B 212 13.93 -2.80 -18.89
CA LYS B 212 14.65 -4.02 -19.14
C LYS B 212 13.77 -4.89 -20.03
N LYS B 213 14.18 -5.03 -21.30
N LYS B 213 14.18 -5.09 -21.29
CA LYS B 213 13.61 -6.01 -22.22
CA LYS B 213 13.46 -5.97 -22.21
C LYS B 213 13.96 -7.40 -21.71
C LYS B 213 13.93 -7.41 -21.95
N ILE B 214 12.98 -8.32 -21.68
CA ILE B 214 13.28 -9.69 -21.27
C ILE B 214 13.51 -10.52 -22.54
N VAL B 215 14.74 -11.09 -22.67
CA VAL B 215 15.12 -11.90 -23.83
C VAL B 215 15.36 -13.35 -23.39
N PRO B 216 15.16 -14.36 -24.27
CA PRO B 216 15.27 -15.76 -23.86
C PRO B 216 16.70 -16.31 -23.90
N ASP C 1 -8.99 11.62 24.05
CA ASP C 1 -9.34 11.44 22.61
C ASP C 1 -10.46 10.41 22.51
N VAL C 2 -11.23 10.47 21.41
CA VAL C 2 -12.24 9.47 21.15
C VAL C 2 -11.54 8.24 20.57
N LEU C 3 -11.62 7.11 21.27
CA LEU C 3 -11.07 5.86 20.80
C LEU C 3 -12.13 5.16 19.94
N MET C 4 -11.71 4.65 18.79
CA MET C 4 -12.60 4.00 17.85
C MET C 4 -12.14 2.54 17.75
N THR C 5 -12.99 1.60 18.18
CA THR C 5 -12.61 0.20 18.29
C THR C 5 -13.45 -0.59 17.30
N GLN C 6 -12.79 -1.38 16.47
CA GLN C 6 -13.47 -2.18 15.45
C GLN C 6 -13.45 -3.68 15.79
N ILE C 7 -14.54 -4.34 15.42
CA ILE C 7 -14.65 -5.78 15.59
C ILE C 7 -15.24 -6.27 14.28
N PRO C 8 -14.72 -7.36 13.66
CA PRO C 8 -13.54 -8.12 14.11
C PRO C 8 -12.24 -7.54 13.55
N LEU C 9 -11.13 -8.12 13.97
CA LEU C 9 -9.84 -7.75 13.41
C LEU C 9 -9.67 -8.25 11.96
N SER C 10 -10.13 -9.48 11.72
N SER C 10 -10.09 -9.50 11.71
CA SER C 10 -10.00 -10.19 10.45
CA SER C 10 -10.00 -10.14 10.42
C SER C 10 -11.40 -10.69 10.09
C SER C 10 -11.38 -10.68 10.09
N LEU C 11 -11.82 -10.47 8.84
CA LEU C 11 -13.14 -10.87 8.39
C LEU C 11 -13.02 -11.66 7.09
N PRO C 12 -12.79 -12.98 7.16
CA PRO C 12 -12.86 -13.83 6.00
C PRO C 12 -14.34 -14.03 5.66
N VAL C 13 -14.66 -14.09 4.37
N VAL C 13 -14.65 -13.97 4.34
CA VAL C 13 -16.04 -14.27 3.97
CA VAL C 13 -16.01 -14.11 3.84
C VAL C 13 -16.06 -14.86 2.56
C VAL C 13 -15.97 -14.93 2.55
N SER C 14 -16.94 -15.84 2.40
CA SER C 14 -17.15 -16.49 1.12
C SER C 14 -17.92 -15.59 0.15
N LEU C 15 -17.61 -15.65 -1.14
CA LEU C 15 -18.29 -14.82 -2.14
C LEU C 15 -19.79 -15.01 -2.06
N GLY C 16 -20.50 -13.89 -2.09
CA GLY C 16 -21.95 -13.90 -2.11
C GLY C 16 -22.62 -13.84 -0.75
N ASP C 17 -21.85 -14.03 0.35
CA ASP C 17 -22.40 -13.95 1.69
C ASP C 17 -22.41 -12.50 2.16
N GLN C 18 -23.11 -12.28 3.27
CA GLN C 18 -23.14 -11.00 3.96
C GLN C 18 -22.01 -10.93 4.97
N ALA C 19 -21.66 -9.73 5.33
CA ALA C 19 -20.71 -9.48 6.36
C ALA C 19 -20.95 -8.15 7.04
N SER C 20 -20.54 -8.05 8.32
CA SER C 20 -20.65 -6.79 9.00
C SER C 20 -19.45 -6.52 9.91
N ILE C 21 -19.20 -5.23 10.06
CA ILE C 21 -18.10 -4.74 10.85
C ILE C 21 -18.70 -3.73 11.83
N SER C 22 -18.30 -3.82 13.10
N SER C 22 -18.36 -3.84 13.10
CA SER C 22 -18.74 -2.99 14.19
CA SER C 22 -18.82 -2.87 14.08
C SER C 22 -17.64 -1.96 14.50
C SER C 22 -17.67 -1.95 14.44
N CYS C 23 -18.04 -0.73 14.81
CA CYS C 23 -17.16 0.34 15.26
C CYS C 23 -17.80 0.98 16.49
N ARG C 24 -17.13 0.87 17.65
N ARG C 24 -17.10 0.95 17.63
CA ARG C 24 -17.55 1.48 18.90
CA ARG C 24 -17.59 1.51 18.87
C ARG C 24 -16.69 2.71 19.15
C ARG C 24 -16.70 2.68 19.31
N SER C 25 -17.33 3.84 19.52
CA SER C 25 -16.63 5.02 19.98
C SER C 25 -16.60 5.00 21.51
N SER C 26 -15.52 5.53 22.09
CA SER C 26 -15.37 5.53 23.55
C SER C 26 -16.25 6.57 24.24
N GLN C 27 -16.73 7.56 23.46
CA GLN C 27 -17.68 8.55 23.90
C GLN C 27 -18.54 8.93 22.69
N SER C 28 -19.58 9.73 22.94
N SER C 28 -19.57 9.74 22.95
CA SER C 28 -20.49 10.17 21.90
CA SER C 28 -20.46 10.28 21.93
C SER C 28 -19.74 11.03 20.88
C SER C 28 -19.64 10.97 20.85
N ILE C 29 -20.13 10.90 19.61
CA ILE C 29 -19.51 11.60 18.49
C ILE C 29 -20.57 12.42 17.76
N VAL C 30 -21.46 13.01 18.53
CA VAL C 30 -22.39 13.98 17.97
C VAL C 30 -21.75 15.38 18.09
N HIS C 31 -21.57 16.03 16.93
CA HIS C 31 -21.12 17.41 16.87
C HIS C 31 -22.17 18.31 17.52
N ARG C 32 -21.75 19.49 18.00
CA ARG C 32 -22.70 20.44 18.59
C ARG C 32 -23.72 20.94 17.55
N ASN C 33 -23.43 20.84 16.25
CA ASN C 33 -24.38 21.17 15.20
C ASN C 33 -25.45 20.09 15.01
N GLY C 34 -25.34 18.96 15.74
CA GLY C 34 -26.33 17.88 15.68
C GLY C 34 -25.96 16.72 14.73
N ASN C 35 -24.94 16.89 13.88
CA ASN C 35 -24.51 15.86 12.97
C ASN C 35 -23.53 14.90 13.63
N THR C 36 -23.54 13.65 13.14
CA THR C 36 -22.59 12.64 13.55
C THR C 36 -21.66 12.35 12.37
N TYR C 37 -20.40 12.79 12.46
CA TYR C 37 -19.45 12.65 11.38
C TYR C 37 -18.73 11.32 11.50
N LEU C 38 -19.44 10.23 11.24
CA LEU C 38 -18.91 8.88 11.23
C LEU C 38 -18.80 8.42 9.77
N GLU C 39 -17.58 8.08 9.37
CA GLU C 39 -17.25 7.67 8.02
C GLU C 39 -16.67 6.28 7.99
N TRP C 40 -16.82 5.59 6.86
CA TRP C 40 -16.17 4.33 6.57
C TRP C 40 -15.33 4.48 5.30
N TYR C 41 -14.09 3.99 5.39
CA TYR C 41 -13.10 3.97 4.30
C TYR C 41 -12.67 2.53 4.01
N LEU C 42 -12.33 2.31 2.75
CA LEU C 42 -11.74 1.05 2.32
C LEU C 42 -10.39 1.33 1.71
N LEU C 43 -9.36 0.64 2.24
CA LEU C 43 -8.00 0.68 1.73
C LEU C 43 -7.75 -0.63 0.97
N LYS C 44 -7.81 -0.56 -0.38
CA LYS C 44 -7.57 -1.70 -1.24
C LYS C 44 -6.08 -1.79 -1.47
N PRO C 45 -5.52 -3.00 -1.71
CA PRO C 45 -4.10 -3.11 -2.00
C PRO C 45 -3.58 -2.15 -3.09
N GLY C 46 -2.56 -1.37 -2.72
CA GLY C 46 -1.89 -0.47 -3.65
C GLY C 46 -2.63 0.83 -3.96
N GLN C 47 -3.73 1.11 -3.24
CA GLN C 47 -4.53 2.29 -3.50
C GLN C 47 -4.60 3.19 -2.27
N SER C 48 -4.89 4.47 -2.50
CA SER C 48 -5.24 5.37 -1.42
C SER C 48 -6.60 4.96 -0.81
N PRO C 49 -6.89 5.32 0.46
CA PRO C 49 -8.22 5.07 1.03
C PRO C 49 -9.35 5.63 0.15
N LYS C 50 -10.45 4.88 0.10
CA LYS C 50 -11.65 5.27 -0.61
C LYS C 50 -12.82 5.46 0.36
N LEU C 51 -13.53 6.58 0.21
CA LEU C 51 -14.72 6.81 0.99
C LEU C 51 -15.85 5.87 0.56
N LEU C 52 -16.50 5.28 1.56
CA LEU C 52 -17.68 4.46 1.33
C LEU C 52 -18.97 5.15 1.83
N ILE C 53 -18.95 5.59 3.09
CA ILE C 53 -20.09 6.06 3.85
C ILE C 53 -19.69 7.31 4.60
N TYR C 54 -20.53 8.33 4.58
CA TYR C 54 -20.32 9.49 5.44
C TYR C 54 -21.59 9.75 6.24
N LYS C 55 -21.42 10.50 7.34
CA LYS C 55 -22.54 10.83 8.23
C LYS C 55 -23.39 9.58 8.58
N VAL C 56 -22.68 8.52 9.00
CA VAL C 56 -23.24 7.26 9.50
C VAL C 56 -23.75 6.35 8.39
N SER C 57 -24.64 6.87 7.54
CA SER C 57 -25.48 6.03 6.69
C SER C 57 -25.55 6.51 5.25
N ASN C 58 -24.86 7.57 4.86
CA ASN C 58 -24.97 8.13 3.49
C ASN C 58 -23.92 7.52 2.57
N ARG C 59 -24.35 6.72 1.59
N ARG C 59 -24.35 6.68 1.63
CA ARG C 59 -23.41 6.13 0.61
CA ARG C 59 -23.41 6.13 0.61
C ARG C 59 -22.81 7.26 -0.23
C ARG C 59 -22.80 7.28 -0.19
N PHE C 60 -21.49 7.19 -0.44
CA PHE C 60 -20.80 8.12 -1.37
C PHE C 60 -21.16 7.74 -2.80
N SER C 61 -21.26 8.75 -3.67
CA SER C 61 -21.55 8.53 -5.07
C SER C 61 -20.60 7.49 -5.68
N GLY C 62 -21.16 6.49 -6.38
CA GLY C 62 -20.35 5.45 -7.00
C GLY C 62 -20.18 4.20 -6.15
N VAL C 63 -20.50 4.28 -4.86
CA VAL C 63 -20.41 3.11 -3.99
C VAL C 63 -21.67 2.27 -4.23
N PRO C 64 -21.55 0.96 -4.48
CA PRO C 64 -22.73 0.10 -4.70
C PRO C 64 -23.65 0.02 -3.49
N ASP C 65 -24.93 -0.26 -3.77
CA ASP C 65 -25.96 -0.32 -2.74
C ASP C 65 -25.78 -1.52 -1.78
N ARG C 66 -24.86 -2.44 -2.10
N ARG C 66 -24.93 -2.48 -2.14
CA ARG C 66 -24.51 -3.55 -1.24
CA ARG C 66 -24.49 -3.56 -1.27
C ARG C 66 -23.89 -3.09 0.08
C ARG C 66 -23.88 -3.08 0.06
N PHE C 67 -23.32 -1.88 0.09
CA PHE C 67 -22.73 -1.28 1.29
C PHE C 67 -23.77 -0.42 1.99
N SER C 68 -23.95 -0.59 3.30
CA SER C 68 -24.81 0.26 4.06
C SER C 68 -24.26 0.48 5.46
N GLY C 69 -24.50 1.68 5.98
CA GLY C 69 -24.04 2.04 7.31
C GLY C 69 -25.22 2.38 8.20
N SER C 70 -25.08 2.05 9.48
CA SER C 70 -26.09 2.35 10.47
C SER C 70 -25.41 2.61 11.80
N GLY C 71 -26.23 3.04 12.77
CA GLY C 71 -25.80 3.18 14.15
C GLY C 71 -26.14 4.55 14.70
N SER C 72 -25.86 4.64 15.99
CA SER C 72 -26.13 5.78 16.81
C SER C 72 -25.37 5.59 18.11
N GLY C 73 -25.33 6.67 18.88
CA GLY C 73 -24.75 6.62 20.21
C GLY C 73 -23.28 6.31 20.05
N THR C 74 -22.89 5.10 20.42
CA THR C 74 -21.49 4.77 20.33
C THR C 74 -21.29 3.52 19.50
N ASP C 75 -22.29 2.89 18.86
CA ASP C 75 -22.05 1.66 18.10
C ASP C 75 -22.57 1.87 16.69
N PHE C 76 -21.65 1.68 15.76
CA PHE C 76 -21.87 1.92 14.34
C PHE C 76 -21.51 0.65 13.59
N THR C 77 -22.21 0.37 12.52
CA THR C 77 -22.06 -0.88 11.79
C THR C 77 -22.00 -0.59 10.28
N LEU C 78 -21.03 -1.22 9.62
CA LEU C 78 -20.98 -1.30 8.14
C LEU C 78 -21.41 -2.69 7.71
N LYS C 79 -22.44 -2.78 6.91
N LYS C 79 -22.46 -2.76 6.89
CA LYS C 79 -22.95 -4.07 6.39
CA LYS C 79 -22.99 -4.05 6.38
C LYS C 79 -22.63 -4.17 4.89
C LYS C 79 -22.70 -4.14 4.88
N ILE C 80 -22.14 -5.26 4.48
CA ILE C 80 -21.91 -5.56 3.03
C ILE C 80 -22.78 -6.77 2.70
N SER C 81 -23.67 -6.63 1.77
N SER C 81 -23.67 -6.62 1.73
CA SER C 81 -24.37 -7.83 1.24
CA SER C 81 -24.39 -7.80 1.19
C SER C 81 -23.65 -8.33 -0.01
C SER C 81 -23.65 -8.32 -0.05
N ARG C 82 -23.85 -9.60 -0.33
N ARG C 82 -23.86 -9.60 -0.34
CA ARG C 82 -23.34 -10.23 -1.57
CA ARG C 82 -23.34 -10.24 -1.58
C ARG C 82 -21.90 -9.78 -1.79
C ARG C 82 -21.90 -9.78 -1.79
N VAL C 83 -21.02 -10.21 -0.89
CA VAL C 83 -19.59 -9.81 -0.94
C VAL C 83 -19.00 -10.27 -2.30
N GLU C 84 -18.24 -9.38 -2.91
CA GLU C 84 -17.52 -9.64 -4.14
C GLU C 84 -16.02 -9.57 -3.87
N ALA C 85 -15.21 -10.21 -4.73
CA ALA C 85 -13.76 -10.23 -4.57
C ALA C 85 -13.16 -8.82 -4.54
N GLU C 86 -13.75 -7.88 -5.29
CA GLU C 86 -13.26 -6.50 -5.29
C GLU C 86 -13.43 -5.79 -3.94
N ASP C 87 -14.20 -6.36 -2.99
CA ASP C 87 -14.43 -5.73 -1.70
C ASP C 87 -13.29 -6.04 -0.71
N LEU C 88 -12.29 -6.87 -1.06
CA LEU C 88 -11.24 -7.16 -0.10
C LEU C 88 -10.38 -5.92 0.15
N GLY C 89 -9.81 -5.88 1.36
CA GLY C 89 -8.94 -4.82 1.80
C GLY C 89 -9.21 -4.49 3.25
N VAL C 90 -8.67 -3.37 3.72
CA VAL C 90 -8.79 -2.97 5.10
C VAL C 90 -9.83 -1.84 5.24
N TYR C 91 -10.85 -2.15 6.02
CA TYR C 91 -11.90 -1.21 6.31
C TYR C 91 -11.63 -0.42 7.58
N TYR C 92 -11.77 0.90 7.56
CA TYR C 92 -11.60 1.75 8.71
C TYR C 92 -12.83 2.59 8.93
N CYS C 93 -13.28 2.65 10.18
CA CYS C 93 -14.17 3.71 10.59
C CYS C 93 -13.37 4.94 10.99
N PHE C 94 -14.04 6.07 11.08
CA PHE C 94 -13.42 7.34 11.37
C PHE C 94 -14.46 8.28 11.96
N GLN C 95 -14.08 9.03 12.99
CA GLN C 95 -14.92 10.10 13.51
C GLN C 95 -14.26 11.44 13.24
N GLY C 96 -15.08 12.33 12.65
CA GLY C 96 -14.74 13.71 12.35
C GLY C 96 -15.54 14.72 13.16
N SER C 97 -16.04 14.30 14.34
CA SER C 97 -16.88 15.14 15.18
C SER C 97 -16.06 15.97 16.16
N HIS C 98 -15.11 15.34 16.85
CA HIS C 98 -14.40 15.96 17.96
C HIS C 98 -12.90 15.85 17.69
N VAL C 99 -12.22 16.99 17.62
CA VAL C 99 -10.76 16.95 17.46
C VAL C 99 -10.12 16.38 18.72
N PRO C 100 -9.06 15.56 18.61
CA PRO C 100 -8.46 15.12 17.36
C PRO C 100 -9.33 14.06 16.68
N TYR C 101 -9.49 14.19 15.37
CA TYR C 101 -10.23 13.19 14.62
C TYR C 101 -9.47 11.86 14.66
N THR C 102 -10.20 10.74 14.71
CA THR C 102 -9.60 9.44 14.97
C THR C 102 -10.18 8.36 14.09
N PHE C 103 -9.30 7.46 13.67
CA PHE C 103 -9.63 6.24 12.95
C PHE C 103 -9.70 5.04 13.87
N GLY C 104 -10.56 4.08 13.52
CA GLY C 104 -10.49 2.75 14.09
C GLY C 104 -9.21 2.05 13.67
N GLY C 105 -8.98 0.89 14.25
CA GLY C 105 -7.75 0.17 14.00
C GLY C 105 -7.71 -0.65 12.72
N GLY C 106 -8.85 -0.75 12.03
CA GLY C 106 -8.90 -1.50 10.79
C GLY C 106 -9.41 -2.92 10.94
N THR C 107 -10.17 -3.35 9.95
CA THR C 107 -10.67 -4.71 9.82
C THR C 107 -10.26 -5.20 8.44
N LYS C 108 -9.50 -6.29 8.35
CA LYS C 108 -9.06 -6.82 7.07
C LYS C 108 -10.09 -7.81 6.56
N LEU C 109 -10.78 -7.47 5.46
CA LEU C 109 -11.70 -8.38 4.82
C LEU C 109 -10.92 -9.21 3.81
N GLU C 110 -11.07 -10.55 3.91
CA GLU C 110 -10.42 -11.46 2.98
C GLU C 110 -11.47 -12.42 2.45
N ILE C 111 -11.20 -12.92 1.25
CA ILE C 111 -12.13 -13.83 0.61
C ILE C 111 -11.69 -15.26 0.92
N ARG C 112 -12.68 -16.03 1.42
CA ARG C 112 -12.53 -17.46 1.61
C ARG C 112 -12.97 -18.13 0.31
N ARG C 113 -12.15 -19.02 -0.23
CA ARG C 113 -12.39 -19.71 -1.49
C ARG C 113 -11.78 -21.09 -1.43
N ALA C 114 -12.00 -21.86 -2.51
CA ALA C 114 -11.44 -23.20 -2.59
C ALA C 114 -9.92 -23.16 -2.70
N ASP C 115 -9.28 -24.24 -2.20
CA ASP C 115 -7.84 -24.38 -2.24
C ASP C 115 -7.38 -24.39 -3.70
N ALA C 116 -6.19 -23.84 -3.95
CA ALA C 116 -5.57 -23.87 -5.27
C ALA C 116 -4.07 -24.07 -5.13
N ALA C 117 -3.51 -24.97 -5.94
CA ALA C 117 -2.08 -25.22 -5.95
C ALA C 117 -1.34 -24.10 -6.66
N PRO C 118 -0.11 -23.76 -6.23
CA PRO C 118 0.67 -22.71 -6.87
C PRO C 118 1.24 -23.13 -8.21
N THR C 119 1.40 -22.15 -9.10
CA THR C 119 2.18 -22.29 -10.31
C THR C 119 3.59 -21.85 -9.95
N VAL C 120 4.57 -22.80 -9.98
CA VAL C 120 5.89 -22.57 -9.45
C VAL C 120 6.87 -22.32 -10.62
N SER C 121 7.71 -21.28 -10.48
CA SER C 121 8.76 -20.98 -11.45
C SER C 121 10.07 -20.66 -10.72
N ILE C 122 11.21 -21.11 -11.29
CA ILE C 122 12.54 -20.88 -10.73
C ILE C 122 13.43 -20.21 -11.78
N PHE C 123 14.35 -19.36 -11.31
CA PHE C 123 15.22 -18.54 -12.16
C PHE C 123 16.61 -18.52 -11.57
N PRO C 124 17.64 -19.00 -12.32
CA PRO C 124 19.02 -18.85 -11.88
C PRO C 124 19.39 -17.36 -11.86
N PRO C 125 20.53 -17.00 -11.22
CA PRO C 125 21.09 -15.64 -11.33
C PRO C 125 21.34 -15.31 -12.80
N SER C 126 20.98 -14.08 -13.22
CA SER C 126 21.21 -13.62 -14.58
C SER C 126 22.70 -13.35 -14.78
N SER C 127 23.10 -13.30 -16.05
CA SER C 127 24.51 -13.09 -16.38
C SER C 127 24.94 -11.69 -15.91
N GLU C 128 24.02 -10.72 -16.06
CA GLU C 128 24.24 -9.32 -15.68
C GLU C 128 24.52 -9.24 -14.19
N GLN C 129 23.71 -9.92 -13.35
CA GLN C 129 23.98 -9.93 -11.91
C GLN C 129 25.33 -10.62 -11.60
N LEU C 130 25.60 -11.77 -12.22
CA LEU C 130 26.80 -12.54 -11.92
C LEU C 130 28.08 -11.76 -12.21
N THR C 131 28.08 -10.93 -13.28
CA THR C 131 29.22 -10.10 -13.61
C THR C 131 29.57 -9.16 -12.44
N SER C 132 28.54 -8.62 -11.76
CA SER C 132 28.73 -7.75 -10.62
C SER C 132 29.09 -8.50 -9.33
N GLY C 133 29.05 -9.85 -9.32
CA GLY C 133 29.52 -10.66 -8.21
C GLY C 133 28.42 -11.21 -7.28
N GLY C 134 27.14 -10.91 -7.56
CA GLY C 134 26.02 -11.41 -6.77
C GLY C 134 25.29 -12.54 -7.48
N ALA C 135 24.52 -13.31 -6.68
CA ALA C 135 23.86 -14.54 -7.14
C ALA C 135 22.53 -14.74 -6.40
N SER C 136 21.45 -14.12 -6.93
CA SER C 136 20.08 -14.30 -6.47
C SER C 136 19.39 -15.43 -7.23
N VAL C 137 19.00 -16.47 -6.49
CA VAL C 137 18.12 -17.49 -7.05
C VAL C 137 16.69 -17.17 -6.64
N VAL C 138 15.79 -17.05 -7.63
CA VAL C 138 14.42 -16.54 -7.44
C VAL C 138 13.39 -17.62 -7.78
N CYS C 139 12.38 -17.72 -6.92
CA CYS C 139 11.29 -18.66 -7.14
C CYS C 139 9.97 -17.95 -6.91
N PHE C 140 9.07 -18.02 -7.91
CA PHE C 140 7.70 -17.55 -7.80
C PHE C 140 6.73 -18.71 -7.59
N LEU C 141 5.89 -18.59 -6.56
CA LEU C 141 4.73 -19.44 -6.29
C LEU C 141 3.50 -18.56 -6.48
N ASN C 142 2.82 -18.67 -7.64
CA ASN C 142 1.77 -17.75 -8.06
C ASN C 142 0.38 -18.39 -7.99
N ASN C 143 -0.57 -17.58 -7.54
CA ASN C 143 -2.01 -17.80 -7.64
C ASN C 143 -2.43 -19.08 -6.90
N PHE C 144 -2.07 -19.15 -5.62
CA PHE C 144 -2.43 -20.26 -4.76
C PHE C 144 -3.42 -19.83 -3.68
N TYR C 145 -3.99 -20.83 -2.99
CA TYR C 145 -4.91 -20.58 -1.88
C TYR C 145 -4.92 -21.81 -0.96
N PRO C 146 -4.86 -21.71 0.40
CA PRO C 146 -4.83 -20.46 1.17
C PRO C 146 -3.45 -19.79 1.23
N LYS C 147 -3.35 -18.71 2.02
CA LYS C 147 -2.14 -17.89 2.08
C LYS C 147 -0.95 -18.68 2.62
N ASP C 148 -1.16 -19.55 3.63
CA ASP C 148 -0.07 -20.27 4.27
C ASP C 148 0.50 -21.30 3.29
N ILE C 149 1.79 -21.20 3.00
CA ILE C 149 2.47 -22.16 2.15
C ILE C 149 3.92 -22.26 2.63
N ASN C 150 4.48 -23.47 2.55
CA ASN C 150 5.86 -23.70 2.92
C ASN C 150 6.67 -23.83 1.63
N VAL C 151 7.79 -23.10 1.57
CA VAL C 151 8.74 -23.20 0.48
C VAL C 151 10.03 -23.77 1.07
N LYS C 152 10.68 -24.64 0.32
CA LYS C 152 11.88 -25.31 0.78
C LYS C 152 12.91 -25.28 -0.35
N TRP C 153 14.15 -24.93 0.02
CA TRP C 153 15.27 -24.86 -0.91
C TRP C 153 16.19 -26.08 -0.73
N LYS C 154 16.67 -26.64 -1.84
CA LYS C 154 17.73 -27.64 -1.78
C LYS C 154 18.84 -27.29 -2.77
N ILE C 155 20.09 -27.48 -2.31
CA ILE C 155 21.30 -27.20 -3.07
C ILE C 155 22.08 -28.51 -3.14
N ASP C 156 22.09 -29.14 -4.33
CA ASP C 156 22.60 -30.50 -4.51
C ASP C 156 22.01 -31.44 -3.46
N GLY C 157 20.67 -31.41 -3.33
CA GLY C 157 19.95 -32.36 -2.49
C GLY C 157 19.88 -32.02 -1.00
N SER C 158 20.68 -31.05 -0.48
CA SER C 158 20.71 -30.73 0.94
C SER C 158 19.85 -29.48 1.20
N GLU C 159 19.07 -29.56 2.29
CA GLU C 159 18.17 -28.46 2.71
C GLU C 159 19.00 -27.20 2.93
N ARG C 160 18.42 -26.05 2.62
CA ARG C 160 19.11 -24.76 2.62
C ARG C 160 18.17 -23.74 3.25
N GLN C 161 18.63 -23.08 4.33
CA GLN C 161 17.81 -22.18 5.12
C GLN C 161 18.42 -20.77 5.16
N ASN C 162 19.75 -20.66 5.25
CA ASN C 162 20.46 -19.39 5.21
C ASN C 162 20.31 -18.70 3.87
N GLY C 163 19.96 -17.40 3.91
CA GLY C 163 19.95 -16.55 2.73
C GLY C 163 18.63 -16.59 1.97
N VAL C 164 17.59 -17.16 2.58
CA VAL C 164 16.26 -17.23 1.98
C VAL C 164 15.40 -16.14 2.59
N LEU C 165 14.87 -15.26 1.75
CA LEU C 165 13.83 -14.31 2.15
C LEU C 165 12.58 -14.53 1.29
N ASN C 166 11.44 -14.55 2.00
CA ASN C 166 10.13 -14.78 1.41
C ASN C 166 9.33 -13.47 1.43
N SER C 167 8.47 -13.29 0.42
CA SER C 167 7.60 -12.11 0.32
C SER C 167 6.25 -12.47 -0.32
N TRP C 168 5.14 -12.20 0.39
CA TRP C 168 3.80 -12.50 -0.09
C TRP C 168 3.13 -11.25 -0.66
N THR C 169 2.36 -11.42 -1.75
CA THR C 169 1.41 -10.39 -2.15
C THR C 169 0.20 -10.35 -1.20
N ASP C 170 -0.53 -9.23 -1.27
CA ASP C 170 -1.88 -9.16 -0.77
C ASP C 170 -2.77 -10.06 -1.64
N GLN C 171 -3.99 -10.28 -1.16
CA GLN C 171 -4.94 -11.11 -1.90
C GLN C 171 -5.32 -10.42 -3.23
N ASP C 172 -5.40 -11.22 -4.28
CA ASP C 172 -5.76 -10.78 -5.62
C ASP C 172 -7.27 -10.52 -5.68
N SER C 173 -7.70 -9.35 -6.14
CA SER C 173 -9.13 -9.05 -6.16
C SER C 173 -9.85 -9.60 -7.40
N LYS C 174 -9.13 -10.29 -8.31
CA LYS C 174 -9.76 -10.95 -9.45
C LYS C 174 -10.12 -12.39 -9.08
N ASP C 175 -9.14 -13.18 -8.63
CA ASP C 175 -9.35 -14.61 -8.38
C ASP C 175 -9.23 -15.00 -6.91
N SER C 176 -9.01 -14.03 -6.01
CA SER C 176 -8.95 -14.27 -4.57
C SER C 176 -7.78 -15.17 -4.17
N THR C 177 -6.75 -15.24 -5.01
CA THR C 177 -5.55 -16.03 -4.71
C THR C 177 -4.46 -15.15 -4.09
N TYR C 178 -3.38 -15.83 -3.67
CA TYR C 178 -2.16 -15.21 -3.18
C TYR C 178 -1.00 -15.65 -4.07
N SER C 179 0.06 -14.86 -4.03
CA SER C 179 1.33 -15.24 -4.65
C SER C 179 2.47 -14.93 -3.70
N MET C 180 3.62 -15.61 -3.90
CA MET C 180 4.78 -15.41 -3.05
C MET C 180 6.04 -15.55 -3.91
N SER C 181 7.06 -14.75 -3.56
CA SER C 181 8.42 -14.92 -4.06
C SER C 181 9.29 -15.48 -2.93
N SER C 182 10.20 -16.41 -3.26
CA SER C 182 11.26 -16.87 -2.37
C SER C 182 12.58 -16.64 -3.10
N THR C 183 13.52 -15.99 -2.40
CA THR C 183 14.77 -15.56 -3.00
C THR C 183 15.89 -16.06 -2.11
N LEU C 184 16.73 -16.90 -2.70
CA LEU C 184 17.97 -17.36 -2.12
C LEU C 184 19.11 -16.49 -2.64
N THR C 185 19.72 -15.68 -1.76
CA THR C 185 20.83 -14.83 -2.17
C THR C 185 22.14 -15.42 -1.66
N LEU C 186 22.99 -15.79 -2.60
CA LEU C 186 24.33 -16.32 -2.34
C LEU C 186 25.37 -15.31 -2.78
N THR C 187 26.62 -15.48 -2.32
CA THR C 187 27.76 -14.95 -3.04
C THR C 187 27.93 -15.78 -4.32
N LYS C 188 28.43 -15.14 -5.38
CA LYS C 188 28.81 -15.83 -6.60
C LYS C 188 29.81 -16.94 -6.27
N ASP C 189 30.79 -16.68 -5.38
CA ASP C 189 31.72 -17.71 -4.91
C ASP C 189 30.94 -18.97 -4.49
N GLU C 190 29.91 -18.78 -3.65
CA GLU C 190 29.14 -19.90 -3.10
C GLU C 190 28.31 -20.57 -4.20
N TYR C 191 27.68 -19.74 -5.05
CA TYR C 191 26.84 -20.21 -6.15
C TYR C 191 27.65 -21.12 -7.08
N GLU C 192 28.87 -20.70 -7.41
CA GLU C 192 29.77 -21.37 -8.38
C GLU C 192 30.14 -22.80 -7.93
N ARG C 193 30.00 -23.12 -6.64
CA ARG C 193 30.58 -24.35 -6.03
C ARG C 193 29.50 -25.44 -5.89
N HIS C 194 28.29 -25.18 -6.40
CA HIS C 194 27.15 -26.13 -6.34
C HIS C 194 26.43 -26.17 -7.68
N ASN C 195 25.79 -27.31 -7.98
CA ASN C 195 25.22 -27.50 -9.32
C ASN C 195 23.69 -27.46 -9.29
N SER C 196 23.03 -28.21 -8.39
CA SER C 196 21.58 -28.35 -8.40
C SER C 196 20.94 -27.34 -7.43
N TYR C 197 19.90 -26.64 -7.90
CA TYR C 197 19.13 -25.72 -7.07
C TYR C 197 17.66 -26.06 -7.23
N THR C 198 16.98 -26.34 -6.10
CA THR C 198 15.59 -26.75 -6.08
C THR C 198 14.78 -25.81 -5.20
N CYS C 199 13.55 -25.53 -5.66
N CYS C 199 13.60 -25.43 -5.68
CA CYS C 199 12.51 -24.80 -4.93
CA CYS C 199 12.58 -24.88 -4.80
C CYS C 199 11.26 -25.68 -4.88
C CYS C 199 11.36 -25.80 -4.87
N GLU C 200 10.84 -26.12 -3.68
CA GLU C 200 9.72 -27.03 -3.50
C GLU C 200 8.59 -26.23 -2.85
N ALA C 201 7.38 -26.28 -3.42
CA ALA C 201 6.18 -25.73 -2.82
C ALA C 201 5.37 -26.87 -2.22
N THR C 202 5.04 -26.77 -0.92
CA THR C 202 4.16 -27.71 -0.24
C THR C 202 3.05 -26.92 0.48
N PRO C 209 3.86 -32.11 -3.29
CA PRO C 209 4.98 -31.17 -3.35
C PRO C 209 5.35 -30.80 -4.80
N ILE C 210 5.05 -29.55 -5.22
CA ILE C 210 5.39 -29.06 -6.55
C ILE C 210 6.85 -28.62 -6.50
N VAL C 211 7.67 -29.19 -7.40
CA VAL C 211 9.12 -28.98 -7.42
C VAL C 211 9.52 -28.38 -8.76
N LYS C 212 10.42 -27.38 -8.70
CA LYS C 212 11.12 -26.83 -9.85
C LYS C 212 12.59 -26.71 -9.49
N SER C 213 13.46 -27.13 -10.42
CA SER C 213 14.89 -27.03 -10.22
C SER C 213 15.59 -26.65 -11.54
N PHE C 214 16.86 -26.25 -11.38
CA PHE C 214 17.80 -26.19 -12.50
C PHE C 214 19.18 -26.69 -12.07
N ASN C 215 20.00 -26.94 -13.10
CA ASN C 215 21.44 -27.11 -12.98
C ASN C 215 22.18 -26.03 -13.79
N ARG C 216 22.99 -25.25 -13.06
CA ARG C 216 24.20 -24.58 -13.54
C ARG C 216 24.98 -24.26 -12.27
N ASN C 217 25.98 -23.38 -12.30
CA ASN C 217 26.67 -23.03 -11.08
C ASN C 217 27.26 -21.64 -11.22
CL CL D . -16.37 16.44 2.02
CL CL E . -11.71 27.30 10.10
CL CL F . 16.02 8.83 14.39
#